data_5B1Y
#
_entry.id   5B1Y
#
_cell.length_a   91.628
_cell.length_b   91.628
_cell.length_c   177.587
_cell.angle_alpha   90.00
_cell.angle_beta   90.00
_cell.angle_gamma   90.00
#
_symmetry.space_group_name_H-M   'P 43 21 2'
#
loop_
_entity.id
_entity.type
_entity.pdbx_description
1 polymer '3-oxoacyl-[acyl-carrier-protein] reductase'
2 non-polymer 'NADPH DIHYDRO-NICOTINAMIDE-ADENINE-DINUCLEOTIDE PHOSPHATE'
3 water water
#
_entity_poly.entity_id   1
_entity_poly.type   'polypeptide(L)'
_entity_poly.pdbx_seq_one_letter_code
;MGSSHHHHHHSSGLVPRGSHMETTYALVTGGSRGIGRATVLRFAREGWSVVIAYKSRADLAEKTAEEARRLGSPEAYTVR
VDVGDPDSVTEMSSRVGELIPHLNVLVNAAGVLQLGGIEETSISEWEETLRVNLTGVYLVTKLLLPLLRKAKWASIVNVA
SIAGETGNVVAGVAYSASKAGVIGLTKRLAVQLAGYGIRVNAVAPSFVETDMTRSFLDTPEKRERIASLHPLKIILKPED
VAEAILFLADPRRSRGITGHVLSINAGRRT
;
_entity_poly.pdbx_strand_id   A,B
#
# COMPACT_ATOMS: atom_id res chain seq x y z
N MET A 21 -7.66 -37.37 6.30
CA MET A 21 -7.12 -36.12 5.73
C MET A 21 -5.60 -36.09 5.86
N GLU A 22 -4.97 -35.16 5.16
CA GLU A 22 -3.51 -35.03 5.19
C GLU A 22 -3.06 -34.26 6.43
N THR A 23 -1.80 -34.41 6.80
CA THR A 23 -1.24 -33.70 7.94
C THR A 23 -1.27 -32.22 7.61
N THR A 24 -1.55 -31.39 8.62
CA THR A 24 -1.58 -29.96 8.41
C THR A 24 -0.21 -29.33 8.68
N TYR A 25 0.28 -28.55 7.73
CA TYR A 25 1.56 -27.85 7.88
C TYR A 25 1.33 -26.34 7.80
N ALA A 26 1.89 -25.61 8.76
CA ALA A 26 1.75 -24.15 8.79
C ALA A 26 3.14 -23.53 8.96
N LEU A 27 3.39 -22.46 8.24
CA LEU A 27 4.61 -21.72 8.38
C LEU A 27 4.31 -20.31 8.85
N VAL A 28 5.07 -19.84 9.82
CA VAL A 28 4.86 -18.52 10.40
C VAL A 28 6.15 -17.69 10.44
N THR A 29 6.19 -16.59 9.67
CA THR A 29 7.36 -15.73 9.70
C THR A 29 7.21 -14.90 10.98
N GLY A 30 8.33 -14.54 11.59
CA GLY A 30 8.30 -13.82 12.85
C GLY A 30 7.77 -14.80 13.90
N GLY A 31 7.90 -16.09 13.60
CA GLY A 31 7.38 -17.10 14.50
C GLY A 31 8.04 -17.31 15.85
N SER A 32 9.16 -16.64 16.12
CA SER A 32 9.82 -16.82 17.40
C SER A 32 9.51 -15.74 18.43
N ARG A 33 8.65 -14.79 18.08
CA ARG A 33 8.29 -13.73 19.03
C ARG A 33 6.91 -13.12 18.75
N GLY A 34 6.40 -12.39 19.73
CA GLY A 34 5.12 -11.72 19.63
C GLY A 34 3.96 -12.54 19.07
N ILE A 35 3.23 -11.92 18.16
CA ILE A 35 2.08 -12.53 17.52
C ILE A 35 2.45 -13.83 16.80
N GLY A 36 3.55 -13.81 16.05
CA GLY A 36 3.96 -15.02 15.34
C GLY A 36 4.18 -16.20 16.25
N ARG A 37 4.85 -15.97 17.38
CA ARG A 37 5.09 -17.05 18.32
C ARG A 37 3.77 -17.51 18.93
N ALA A 38 2.93 -16.57 19.31
CA ALA A 38 1.62 -16.93 19.88
C ALA A 38 0.83 -17.73 18.86
N THR A 39 0.97 -17.39 17.58
CA THR A 39 0.24 -18.10 16.54
C THR A 39 0.79 -19.53 16.39
N VAL A 40 2.11 -19.67 16.40
CA VAL A 40 2.72 -20.98 16.29
C VAL A 40 2.23 -21.92 17.41
N LEU A 41 2.20 -21.42 18.64
CA LEU A 41 1.74 -22.23 19.77
C LEU A 41 0.24 -22.55 19.69
N ARG A 42 -0.58 -21.61 19.23
CA ARG A 42 -1.99 -21.86 19.01
C ARG A 42 -2.18 -22.92 17.93
N PHE A 43 -1.40 -22.87 16.89
CA PHE A 43 -1.47 -23.89 15.84
C PHE A 43 -1.05 -25.26 16.42
N ALA A 44 -0.02 -25.27 17.26
CA ALA A 44 0.44 -26.52 17.86
C ALA A 44 -0.68 -27.15 18.67
N ARG A 45 -1.41 -26.35 19.44
CA ARG A 45 -2.51 -26.88 20.24
C ARG A 45 -3.58 -27.50 19.34
N GLU A 46 -3.59 -27.10 18.07
CA GLU A 46 -4.55 -27.64 17.10
C GLU A 46 -4.05 -28.94 16.50
N GLY A 47 -2.82 -29.33 16.83
CA GLY A 47 -2.27 -30.55 16.29
C GLY A 47 -1.67 -30.33 14.90
N TRP A 48 -1.37 -29.08 14.58
CA TRP A 48 -0.79 -28.76 13.28
C TRP A 48 0.73 -28.76 13.36
N SER A 49 1.38 -29.30 12.32
CA SER A 49 2.83 -29.30 12.28
C SER A 49 3.21 -27.87 11.92
N VAL A 50 4.31 -27.38 12.44
CA VAL A 50 4.73 -26.01 12.21
C VAL A 50 6.16 -25.80 11.76
N VAL A 51 6.33 -24.74 11.03
CA VAL A 51 7.65 -24.33 10.55
C VAL A 51 7.80 -22.90 11.07
N ILE A 52 8.76 -22.71 11.96
CA ILE A 52 9.03 -21.43 12.57
C ILE A 52 10.12 -20.67 11.81
N ALA A 53 9.73 -19.62 11.10
CA ALA A 53 10.71 -18.84 10.35
C ALA A 53 11.18 -17.64 11.17
N TYR A 54 12.49 -17.49 11.27
CA TYR A 54 13.08 -16.41 12.07
C TYR A 54 14.26 -15.78 11.34
N LYS A 55 14.56 -14.53 11.68
CA LYS A 55 15.65 -13.78 11.08
C LYS A 55 17.02 -14.05 11.71
N SER A 56 17.10 -13.99 13.04
CA SER A 56 18.37 -14.19 13.73
C SER A 56 18.33 -14.90 15.09
N ARG A 57 17.19 -14.86 15.78
CA ARG A 57 17.11 -15.49 17.10
C ARG A 57 16.88 -17.00 17.03
N ALA A 58 17.91 -17.72 16.59
CA ALA A 58 17.85 -19.17 16.46
C ALA A 58 17.50 -19.84 17.78
N ASP A 59 17.99 -19.27 18.87
CA ASP A 59 17.72 -19.81 20.21
C ASP A 59 16.23 -19.72 20.55
N LEU A 60 15.64 -18.56 20.31
CA LEU A 60 14.22 -18.37 20.60
C LEU A 60 13.36 -19.26 19.72
N ALA A 61 13.76 -19.42 18.45
CA ALA A 61 13.03 -20.26 17.51
C ALA A 61 13.00 -21.73 17.94
N GLU A 62 14.15 -22.25 18.37
CA GLU A 62 14.23 -23.64 18.80
C GLU A 62 13.43 -23.87 20.08
N LYS A 63 13.43 -22.87 20.97
CA LYS A 63 12.68 -23.00 22.21
C LYS A 63 11.18 -22.92 21.90
N THR A 64 10.83 -22.22 20.84
CA THR A 64 9.43 -22.12 20.43
C THR A 64 9.04 -23.48 19.86
N ALA A 65 9.95 -24.07 19.09
CA ALA A 65 9.71 -25.36 18.48
C ALA A 65 9.52 -26.45 19.53
N GLU A 66 10.28 -26.35 20.61
CA GLU A 66 10.18 -27.33 21.68
C GLU A 66 8.83 -27.20 22.38
N GLU A 67 8.32 -25.98 22.52
CA GLU A 67 7.04 -25.81 23.17
C GLU A 67 5.92 -26.27 22.22
N ALA A 68 6.11 -26.07 20.91
CA ALA A 68 5.11 -26.49 19.94
C ALA A 68 4.98 -28.01 19.96
N ARG A 69 6.11 -28.70 20.01
CA ARG A 69 6.09 -30.16 20.05
C ARG A 69 5.39 -30.63 21.32
N ARG A 70 5.67 -29.99 22.45
CA ARG A 70 5.02 -30.38 23.70
C ARG A 70 3.52 -30.14 23.59
N LEU A 71 3.15 -28.97 23.09
CA LEU A 71 1.74 -28.60 22.95
C LEU A 71 0.93 -29.42 21.95
N GLY A 72 1.59 -30.04 20.98
CA GLY A 72 0.82 -30.85 20.04
C GLY A 72 1.23 -30.91 18.58
N SER A 73 2.25 -30.15 18.16
CA SER A 73 2.67 -30.22 16.76
C SER A 73 3.36 -31.57 16.53
N PRO A 74 2.90 -32.34 15.53
CA PRO A 74 3.54 -33.63 15.27
C PRO A 74 5.02 -33.40 14.95
N GLU A 75 5.28 -32.30 14.25
CA GLU A 75 6.63 -31.91 13.86
C GLU A 75 6.73 -30.38 13.95
N ALA A 76 7.89 -29.89 14.37
CA ALA A 76 8.11 -28.45 14.45
C ALA A 76 9.52 -28.16 13.94
N TYR A 77 9.61 -27.45 12.83
CA TYR A 77 10.90 -27.10 12.23
C TYR A 77 11.17 -25.61 12.33
N THR A 78 12.44 -25.25 12.23
CA THR A 78 12.84 -23.84 12.26
C THR A 78 13.61 -23.58 10.97
N VAL A 79 13.51 -22.37 10.45
CA VAL A 79 14.23 -22.01 9.26
C VAL A 79 14.59 -20.53 9.29
N ARG A 80 15.86 -20.23 9.03
CA ARG A 80 16.36 -18.86 9.10
C ARG A 80 16.03 -18.11 7.82
N VAL A 81 15.50 -16.90 7.96
CA VAL A 81 15.17 -16.11 6.78
C VAL A 81 14.98 -14.62 7.06
N ASP A 82 15.44 -13.82 6.10
CA ASP A 82 15.30 -12.36 6.17
C ASP A 82 14.25 -12.15 5.09
N VAL A 83 13.01 -11.93 5.50
CA VAL A 83 11.90 -11.76 4.55
C VAL A 83 12.03 -10.63 3.55
N GLY A 84 12.85 -9.63 3.86
CA GLY A 84 13.04 -8.52 2.94
C GLY A 84 14.14 -8.77 1.90
N ASP A 85 14.77 -9.95 1.96
CA ASP A 85 15.85 -10.28 1.03
C ASP A 85 15.46 -11.43 0.10
N PRO A 86 15.37 -11.16 -1.22
CA PRO A 86 15.01 -12.15 -2.23
C PRO A 86 15.79 -13.46 -2.18
N ASP A 87 17.11 -13.37 -2.08
CA ASP A 87 17.93 -14.58 -2.02
C ASP A 87 17.66 -15.37 -0.76
N SER A 88 17.55 -14.67 0.37
CA SER A 88 17.28 -15.35 1.62
C SER A 88 15.93 -16.08 1.57
N VAL A 89 14.93 -15.42 1.00
CA VAL A 89 13.60 -16.03 0.89
C VAL A 89 13.58 -17.20 -0.07
N THR A 90 14.31 -17.08 -1.17
CA THR A 90 14.39 -18.16 -2.16
C THR A 90 15.02 -19.40 -1.52
N GLU A 91 16.06 -19.17 -0.71
CA GLU A 91 16.75 -20.27 -0.04
C GLU A 91 15.85 -20.89 1.03
N MET A 92 15.14 -20.06 1.78
CA MET A 92 14.23 -20.56 2.80
C MET A 92 13.21 -21.48 2.12
N SER A 93 12.70 -21.02 0.99
CA SER A 93 11.71 -21.76 0.24
C SER A 93 12.21 -23.16 -0.13
N SER A 94 13.41 -23.23 -0.71
CA SER A 94 14.01 -24.50 -1.09
C SER A 94 14.16 -25.38 0.15
N ARG A 95 14.69 -24.78 1.21
CA ARG A 95 14.90 -25.46 2.49
C ARG A 95 13.59 -26.08 3.01
N VAL A 96 12.52 -25.28 3.01
CA VAL A 96 11.24 -25.77 3.49
C VAL A 96 10.73 -26.92 2.63
N GLY A 97 10.92 -26.82 1.32
CA GLY A 97 10.46 -27.86 0.41
C GLY A 97 11.13 -29.20 0.66
N GLU A 98 12.28 -29.17 1.33
CA GLU A 98 13.02 -30.39 1.64
C GLU A 98 12.49 -31.00 2.94
N LEU A 99 11.77 -30.20 3.73
CA LEU A 99 11.27 -30.69 5.01
C LEU A 99 9.81 -31.14 5.03
N ILE A 100 8.97 -30.54 4.20
CA ILE A 100 7.54 -30.91 4.20
C ILE A 100 7.03 -31.15 2.79
N PRO A 101 6.00 -32.01 2.64
CA PRO A 101 5.41 -32.34 1.34
C PRO A 101 4.49 -31.27 0.74
N HIS A 102 3.90 -30.44 1.59
CA HIS A 102 3.03 -29.37 1.14
C HIS A 102 2.85 -28.38 2.30
N LEU A 103 2.22 -27.25 2.02
CA LEU A 103 1.98 -26.24 3.05
C LEU A 103 0.51 -25.84 3.01
N ASN A 104 -0.19 -26.02 4.11
CA ASN A 104 -1.60 -25.67 4.17
C ASN A 104 -1.79 -24.21 4.60
N VAL A 105 -0.97 -23.75 5.53
CA VAL A 105 -1.13 -22.39 6.03
C VAL A 105 0.12 -21.54 6.08
N LEU A 106 -0.01 -20.31 5.61
CA LEU A 106 1.09 -19.37 5.64
C LEU A 106 0.64 -18.12 6.37
N VAL A 107 1.35 -17.75 7.41
CA VAL A 107 1.08 -16.56 8.17
C VAL A 107 2.26 -15.61 8.06
N ASN A 108 2.07 -14.42 7.51
CA ASN A 108 3.14 -13.45 7.45
C ASN A 108 3.04 -12.52 8.65
N ALA A 109 3.92 -12.71 9.61
CA ALA A 109 3.91 -11.89 10.82
C ALA A 109 5.31 -11.35 11.15
N ALA A 110 6.11 -11.07 10.13
CA ALA A 110 7.47 -10.55 10.34
C ALA A 110 7.62 -9.04 10.12
N GLY A 111 6.58 -8.28 10.46
CA GLY A 111 6.66 -6.83 10.28
C GLY A 111 7.47 -6.09 11.34
N VAL A 112 8.01 -4.93 10.99
CA VAL A 112 8.78 -4.11 11.93
C VAL A 112 8.14 -2.73 12.07
N LEU A 113 8.17 -2.19 13.27
CA LEU A 113 7.58 -0.88 13.51
C LEU A 113 8.48 0.27 13.07
N GLN A 114 7.86 1.40 12.78
CA GLN A 114 8.52 2.61 12.36
C GLN A 114 7.71 3.80 12.85
N LEU A 115 8.36 4.86 13.31
CA LEU A 115 7.65 6.04 13.78
C LEU A 115 8.21 7.34 13.20
N GLY A 116 7.38 8.37 13.16
CA GLY A 116 7.83 9.64 12.66
C GLY A 116 7.07 10.17 11.46
N GLY A 117 7.04 11.48 11.33
CA GLY A 117 6.36 12.11 10.21
C GLY A 117 7.19 12.00 8.95
N ILE A 118 6.69 12.55 7.85
CA ILE A 118 7.41 12.47 6.58
C ILE A 118 8.74 13.24 6.62
N GLU A 119 8.80 14.32 7.41
CA GLU A 119 10.03 15.11 7.51
C GLU A 119 11.13 14.35 8.26
N GLU A 120 10.75 13.64 9.32
CA GLU A 120 11.73 12.89 10.11
C GLU A 120 12.00 11.48 9.60
N THR A 121 11.24 11.03 8.61
CA THR A 121 11.43 9.69 8.05
C THR A 121 12.40 9.82 6.87
N SER A 122 13.63 9.34 7.05
CA SER A 122 14.62 9.43 5.97
C SER A 122 14.26 8.46 4.86
N ILE A 123 14.78 8.71 3.67
CA ILE A 123 14.51 7.86 2.52
C ILE A 123 14.91 6.42 2.78
N SER A 124 16.05 6.20 3.44
CA SER A 124 16.49 4.85 3.73
C SER A 124 15.57 4.15 4.74
N GLU A 125 15.01 4.91 5.67
CA GLU A 125 14.09 4.34 6.66
C GLU A 125 12.79 3.94 5.97
N TRP A 126 12.32 4.82 5.09
CA TRP A 126 11.10 4.56 4.32
C TRP A 126 11.26 3.27 3.53
N GLU A 127 12.34 3.20 2.76
CA GLU A 127 12.60 2.03 1.95
C GLU A 127 12.76 0.74 2.74
N GLU A 128 13.47 0.80 3.86
CA GLU A 128 13.66 -0.37 4.69
C GLU A 128 12.33 -0.87 5.28
N THR A 129 11.47 0.07 5.66
CA THR A 129 10.17 -0.30 6.23
C THR A 129 9.33 -1.01 5.17
N LEU A 130 9.29 -0.45 3.95
CA LEU A 130 8.51 -1.07 2.88
C LEU A 130 9.08 -2.43 2.48
N ARG A 131 10.40 -2.52 2.43
CA ARG A 131 11.07 -3.76 2.06
C ARG A 131 10.69 -4.92 2.96
N VAL A 132 10.68 -4.68 4.26
CA VAL A 132 10.35 -5.72 5.23
C VAL A 132 8.85 -5.96 5.39
N ASN A 133 8.11 -4.89 5.70
CA ASN A 133 6.66 -4.96 5.92
C ASN A 133 5.75 -5.25 4.75
N LEU A 134 6.14 -4.83 3.56
CA LEU A 134 5.29 -5.04 2.38
C LEU A 134 5.93 -6.00 1.38
N THR A 135 7.12 -5.67 0.91
CA THR A 135 7.80 -6.53 -0.04
C THR A 135 8.08 -7.91 0.54
N GLY A 136 8.33 -7.97 1.84
CA GLY A 136 8.59 -9.25 2.49
C GLY A 136 7.39 -10.18 2.39
N VAL A 137 6.19 -9.63 2.54
CA VAL A 137 4.97 -10.42 2.46
C VAL A 137 4.81 -10.99 1.05
N TYR A 138 5.05 -10.13 0.05
CA TYR A 138 4.94 -10.54 -1.34
C TYR A 138 5.97 -11.64 -1.68
N LEU A 139 7.19 -11.48 -1.21
CA LEU A 139 8.27 -12.43 -1.48
C LEU A 139 8.06 -13.79 -0.86
N VAL A 140 7.70 -13.80 0.41
CA VAL A 140 7.46 -15.06 1.09
C VAL A 140 6.28 -15.80 0.45
N THR A 141 5.21 -15.07 0.17
CA THR A 141 4.03 -15.67 -0.44
C THR A 141 4.35 -16.21 -1.84
N LYS A 142 5.09 -15.43 -2.61
CA LYS A 142 5.44 -15.83 -3.97
C LYS A 142 6.25 -17.12 -4.03
N LEU A 143 7.25 -17.22 -3.18
CA LEU A 143 8.14 -18.35 -3.19
C LEU A 143 7.54 -19.59 -2.56
N LEU A 144 6.55 -19.42 -1.70
CA LEU A 144 5.93 -20.55 -1.02
C LEU A 144 4.63 -21.00 -1.70
N LEU A 145 4.22 -20.29 -2.75
CA LEU A 145 2.98 -20.63 -3.44
C LEU A 145 2.97 -22.05 -4.02
N PRO A 146 4.10 -22.53 -4.56
CA PRO A 146 4.11 -23.89 -5.09
C PRO A 146 3.77 -24.92 -4.01
N LEU A 147 4.30 -24.72 -2.80
CA LEU A 147 4.02 -25.61 -1.68
C LEU A 147 2.56 -25.51 -1.27
N LEU A 148 2.02 -24.30 -1.29
CA LEU A 148 0.62 -24.08 -0.93
C LEU A 148 -0.31 -24.72 -1.96
N ARG A 149 0.06 -24.64 -3.24
CA ARG A 149 -0.75 -25.22 -4.30
C ARG A 149 -0.74 -26.75 -4.26
N LYS A 150 0.26 -27.33 -3.60
CA LYS A 150 0.35 -28.78 -3.47
C LYS A 150 -0.61 -29.30 -2.39
N ALA A 151 -1.00 -28.44 -1.46
CA ALA A 151 -1.90 -28.86 -0.39
C ALA A 151 -3.32 -29.11 -0.89
N LYS A 152 -4.08 -29.93 -0.16
CA LYS A 152 -5.46 -30.21 -0.53
C LYS A 152 -6.31 -28.99 -0.19
N TRP A 153 -5.87 -28.21 0.78
CA TRP A 153 -6.55 -26.98 1.18
C TRP A 153 -5.47 -26.03 1.67
N ALA A 154 -5.68 -24.73 1.49
CA ALA A 154 -4.68 -23.77 1.93
C ALA A 154 -5.27 -22.40 2.22
N SER A 155 -4.59 -21.66 3.08
CA SER A 155 -5.01 -20.34 3.44
C SER A 155 -3.79 -19.52 3.78
N ILE A 156 -3.92 -18.21 3.64
CA ILE A 156 -2.84 -17.29 3.93
C ILE A 156 -3.41 -16.20 4.83
N VAL A 157 -2.70 -15.86 5.88
CA VAL A 157 -3.09 -14.78 6.74
C VAL A 157 -1.98 -13.78 6.90
N ASN A 158 -2.24 -12.54 6.57
CA ASN A 158 -1.24 -11.51 6.73
C ASN A 158 -1.55 -10.65 7.94
N VAL A 159 -0.52 -10.30 8.70
CA VAL A 159 -0.75 -9.45 9.85
C VAL A 159 -0.52 -8.01 9.41
N ALA A 160 -1.60 -7.25 9.33
CA ALA A 160 -1.52 -5.86 8.94
C ALA A 160 -1.52 -5.03 10.24
N SER A 161 -2.31 -3.97 10.28
CA SER A 161 -2.37 -3.13 11.46
C SER A 161 -3.48 -2.10 11.31
N ILE A 162 -3.95 -1.58 12.44
CA ILE A 162 -4.97 -0.56 12.42
C ILE A 162 -4.38 0.65 11.68
N ALA A 163 -3.04 0.77 11.72
CA ALA A 163 -2.37 1.89 11.06
C ALA A 163 -2.55 1.83 9.54
N GLY A 164 -2.85 0.66 9.03
CA GLY A 164 -3.07 0.52 7.60
C GLY A 164 -4.51 0.86 7.24
N GLU A 165 -5.35 0.98 8.24
CA GLU A 165 -6.76 1.26 8.08
C GLU A 165 -7.06 2.74 8.27
N THR A 166 -6.29 3.41 9.09
CA THR A 166 -6.58 4.75 9.45
C THR A 166 -5.32 5.55 9.71
N GLY A 167 -5.37 6.83 9.44
CA GLY A 167 -4.29 7.72 9.76
C GLY A 167 -4.32 8.22 11.19
N ASN A 168 -5.44 8.03 11.84
CA ASN A 168 -5.66 8.49 13.21
C ASN A 168 -5.04 7.58 14.26
N VAL A 169 -3.79 7.23 14.07
CA VAL A 169 -3.09 6.38 15.03
C VAL A 169 -1.62 6.78 14.99
N VAL A 170 -0.97 6.70 16.14
CA VAL A 170 0.43 7.04 16.22
C VAL A 170 1.27 5.94 15.57
N ALA A 171 1.76 6.23 14.36
CA ALA A 171 2.57 5.28 13.61
C ALA A 171 3.29 6.07 12.55
N GLY A 172 4.52 5.67 12.24
CA GLY A 172 5.28 6.38 11.23
C GLY A 172 4.57 6.32 9.90
N VAL A 173 4.87 7.30 9.05
CA VAL A 173 4.27 7.39 7.73
C VAL A 173 4.58 6.17 6.85
N ALA A 174 5.78 5.60 7.00
CA ALA A 174 6.19 4.43 6.22
C ALA A 174 5.48 3.19 6.76
N TYR A 175 5.30 3.15 8.07
CA TYR A 175 4.62 2.02 8.68
C TYR A 175 3.17 1.97 8.20
N SER A 176 2.49 3.11 8.20
CA SER A 176 1.10 3.18 7.76
C SER A 176 0.98 2.81 6.29
N ALA A 177 1.86 3.37 5.48
CA ALA A 177 1.84 3.09 4.05
C ALA A 177 2.11 1.61 3.77
N SER A 178 3.07 1.02 4.49
CA SER A 178 3.41 -0.38 4.27
C SER A 178 2.27 -1.33 4.68
N LYS A 179 1.64 -1.03 5.81
CA LYS A 179 0.55 -1.86 6.31
C LYS A 179 -0.69 -1.75 5.43
N ALA A 180 -0.96 -0.55 4.91
CA ALA A 180 -2.11 -0.37 4.03
C ALA A 180 -1.81 -1.13 2.73
N GLY A 181 -0.52 -1.17 2.38
CA GLY A 181 -0.11 -1.88 1.19
C GLY A 181 -0.33 -3.38 1.38
N VAL A 182 -0.12 -3.85 2.60
CA VAL A 182 -0.32 -5.26 2.92
C VAL A 182 -1.80 -5.58 2.77
N ILE A 183 -2.66 -4.65 3.18
CA ILE A 183 -4.10 -4.85 3.06
C ILE A 183 -4.49 -4.91 1.59
N GLY A 184 -3.96 -4.01 0.77
CA GLY A 184 -4.28 -4.02 -0.64
C GLY A 184 -3.82 -5.32 -1.30
N LEU A 185 -2.63 -5.78 -0.91
CA LEU A 185 -2.06 -7.02 -1.44
C LEU A 185 -2.94 -8.21 -1.05
N THR A 186 -3.39 -8.21 0.21
CA THR A 186 -4.25 -9.28 0.72
C THR A 186 -5.52 -9.41 -0.10
N LYS A 187 -6.17 -8.29 -0.38
CA LYS A 187 -7.41 -8.30 -1.13
C LYS A 187 -7.23 -8.76 -2.58
N ARG A 188 -6.20 -8.25 -3.26
CA ARG A 188 -5.99 -8.65 -4.63
C ARG A 188 -5.61 -10.14 -4.74
N LEU A 189 -4.77 -10.61 -3.81
CA LEU A 189 -4.37 -12.01 -3.82
C LEU A 189 -5.57 -12.90 -3.56
N ALA A 190 -6.47 -12.47 -2.69
CA ALA A 190 -7.66 -13.26 -2.38
C ALA A 190 -8.47 -13.55 -3.66
N VAL A 191 -8.69 -12.50 -4.44
CA VAL A 191 -9.46 -12.63 -5.68
C VAL A 191 -8.69 -13.48 -6.71
N GLN A 192 -7.42 -13.15 -6.92
CA GLN A 192 -6.58 -13.87 -7.89
C GLN A 192 -6.29 -15.34 -7.54
N LEU A 193 -6.06 -15.65 -6.28
CA LEU A 193 -5.78 -17.00 -5.88
C LEU A 193 -7.01 -17.83 -5.56
N ALA A 194 -8.16 -17.20 -5.50
CA ALA A 194 -9.39 -17.93 -5.23
C ALA A 194 -9.55 -19.09 -6.22
N GLY A 195 -9.01 -18.91 -7.43
CA GLY A 195 -9.10 -19.94 -8.44
C GLY A 195 -8.41 -21.23 -8.02
N TYR A 196 -7.35 -21.12 -7.23
CA TYR A 196 -6.64 -22.30 -6.75
C TYR A 196 -7.27 -22.81 -5.46
N GLY A 197 -8.34 -22.15 -5.02
CA GLY A 197 -9.00 -22.54 -3.79
C GLY A 197 -8.27 -22.02 -2.57
N ILE A 198 -7.29 -21.16 -2.77
CA ILE A 198 -6.52 -20.60 -1.66
C ILE A 198 -7.11 -19.31 -1.13
N ARG A 199 -7.43 -19.30 0.17
CA ARG A 199 -8.02 -18.12 0.81
C ARG A 199 -6.91 -17.22 1.33
N VAL A 200 -7.16 -15.90 1.29
CA VAL A 200 -6.18 -14.93 1.74
C VAL A 200 -6.90 -13.85 2.55
N ASN A 201 -6.52 -13.73 3.82
CA ASN A 201 -7.13 -12.76 4.71
C ASN A 201 -6.07 -12.08 5.54
N ALA A 202 -6.48 -11.09 6.32
CA ALA A 202 -5.56 -10.35 7.16
C ALA A 202 -6.19 -9.98 8.49
N VAL A 203 -5.34 -9.74 9.48
CA VAL A 203 -5.81 -9.28 10.78
C VAL A 203 -5.21 -7.88 10.90
N ALA A 204 -5.95 -6.96 11.51
CA ALA A 204 -5.49 -5.58 11.69
C ALA A 204 -5.58 -5.25 13.18
N PRO A 205 -4.59 -5.61 13.97
CA PRO A 205 -4.59 -5.27 15.39
C PRO A 205 -4.21 -3.85 15.70
N SER A 206 -4.65 -3.39 16.85
CA SER A 206 -4.26 -2.06 17.31
C SER A 206 -3.03 -2.38 18.16
N PHE A 207 -2.66 -1.55 19.12
CA PHE A 207 -1.47 -1.80 19.93
C PHE A 207 -1.51 -3.16 20.64
N VAL A 208 -0.46 -3.93 20.49
CA VAL A 208 -0.33 -5.24 21.09
C VAL A 208 0.87 -5.26 22.02
N GLU A 209 0.66 -5.79 23.23
CA GLU A 209 1.73 -5.85 24.21
C GLU A 209 2.66 -7.04 23.97
N THR A 210 3.92 -6.75 23.65
CA THR A 210 4.92 -7.79 23.42
C THR A 210 6.23 -7.41 24.11
N ASP A 211 7.29 -8.18 23.86
CA ASP A 211 8.58 -7.89 24.46
C ASP A 211 9.25 -6.78 23.65
N MET A 212 8.54 -5.66 23.49
CA MET A 212 9.05 -4.51 22.76
C MET A 212 8.22 -3.28 23.12
N LEU A 229 -8.06 5.19 25.18
CA LEU A 229 -8.10 5.31 23.72
C LEU A 229 -9.08 4.32 23.08
N HIS A 230 -9.55 3.35 23.84
CA HIS A 230 -10.51 2.37 23.33
C HIS A 230 -11.63 2.06 24.34
N PRO A 231 -12.83 1.91 23.83
CA PRO A 231 -14.00 1.62 24.64
C PRO A 231 -13.93 0.36 25.51
N LEU A 232 -13.49 -0.78 24.99
CA LEU A 232 -13.32 -2.00 25.79
C LEU A 232 -12.07 -1.86 26.64
N LYS A 233 -12.22 -1.89 27.96
CA LYS A 233 -11.09 -1.71 28.84
C LYS A 233 -10.24 -2.95 29.01
N ILE A 234 -9.46 -3.27 27.98
CA ILE A 234 -8.58 -4.41 27.98
C ILE A 234 -7.29 -4.05 27.26
N ILE A 235 -6.30 -4.94 27.33
CA ILE A 235 -5.03 -4.74 26.66
C ILE A 235 -4.83 -5.98 25.78
N LEU A 236 -4.78 -5.76 24.47
CA LEU A 236 -4.61 -6.85 23.52
C LEU A 236 -3.31 -7.58 23.75
N LYS A 237 -3.38 -8.91 23.73
CA LYS A 237 -2.19 -9.75 23.92
C LYS A 237 -1.96 -10.53 22.62
N PRO A 238 -0.72 -10.99 22.39
CA PRO A 238 -0.41 -11.75 21.18
C PRO A 238 -1.36 -12.95 21.01
N GLU A 239 -1.76 -13.57 22.12
CA GLU A 239 -2.64 -14.72 22.05
C GLU A 239 -4.04 -14.35 21.54
N ASP A 240 -4.45 -13.09 21.74
CA ASP A 240 -5.75 -12.63 21.25
C ASP A 240 -5.69 -12.59 19.72
N VAL A 241 -4.58 -12.08 19.20
CA VAL A 241 -4.42 -11.98 17.76
C VAL A 241 -4.29 -13.38 17.15
N ALA A 242 -3.61 -14.28 17.86
CA ALA A 242 -3.43 -15.65 17.39
C ALA A 242 -4.78 -16.35 17.20
N GLU A 243 -5.73 -16.10 18.10
CA GLU A 243 -7.05 -16.70 17.99
C GLU A 243 -7.71 -16.26 16.68
N ALA A 244 -7.56 -14.98 16.35
CA ALA A 244 -8.14 -14.43 15.12
C ALA A 244 -7.47 -15.05 13.88
N ILE A 245 -6.15 -15.20 13.95
CA ILE A 245 -5.40 -15.79 12.84
C ILE A 245 -5.82 -17.25 12.64
N LEU A 246 -6.00 -17.97 13.75
CA LEU A 246 -6.43 -19.35 13.67
C LEU A 246 -7.80 -19.45 13.00
N PHE A 247 -8.70 -18.57 13.39
CA PHE A 247 -10.05 -18.55 12.82
C PHE A 247 -9.97 -18.44 11.28
N LEU A 248 -9.20 -17.47 10.80
CA LEU A 248 -9.03 -17.24 9.35
C LEU A 248 -8.22 -18.31 8.62
N ALA A 249 -7.31 -18.97 9.32
CA ALA A 249 -6.48 -20.00 8.72
C ALA A 249 -7.23 -21.31 8.52
N ASP A 250 -8.08 -21.65 9.49
CA ASP A 250 -8.82 -22.91 9.49
C ASP A 250 -10.11 -22.91 8.66
N PRO A 251 -10.10 -23.64 7.53
CA PRO A 251 -11.26 -23.73 6.63
C PRO A 251 -12.52 -24.28 7.30
N ARG A 252 -12.37 -25.01 8.39
CA ARG A 252 -13.52 -25.56 9.10
C ARG A 252 -14.29 -24.41 9.75
N ARG A 253 -13.59 -23.29 9.95
CA ARG A 253 -14.20 -22.15 10.60
C ARG A 253 -14.50 -20.99 9.67
N SER A 254 -13.68 -20.80 8.63
CA SER A 254 -13.86 -19.67 7.72
C SER A 254 -13.79 -20.01 6.23
N ARG A 255 -14.24 -21.20 5.85
CA ARG A 255 -14.13 -21.60 4.44
C ARG A 255 -14.78 -20.62 3.46
N GLY A 256 -15.72 -19.80 3.92
CA GLY A 256 -16.36 -18.87 3.02
C GLY A 256 -15.82 -17.46 3.11
N ILE A 257 -14.76 -17.26 3.90
CA ILE A 257 -14.19 -15.94 4.10
C ILE A 257 -12.83 -15.76 3.42
N THR A 258 -12.76 -14.80 2.50
CA THR A 258 -11.51 -14.51 1.81
C THR A 258 -11.50 -13.04 1.42
N GLY A 259 -10.31 -12.43 1.47
CA GLY A 259 -10.17 -11.03 1.13
C GLY A 259 -10.68 -10.10 2.20
N HIS A 260 -10.85 -10.63 3.42
CA HIS A 260 -11.35 -9.82 4.53
C HIS A 260 -10.25 -9.36 5.48
N VAL A 261 -10.45 -8.20 6.09
CA VAL A 261 -9.51 -7.66 7.07
C VAL A 261 -10.23 -7.73 8.42
N LEU A 262 -9.75 -8.60 9.29
CA LEU A 262 -10.37 -8.76 10.59
C LEU A 262 -9.71 -7.82 11.60
N SER A 263 -10.42 -6.75 11.93
CA SER A 263 -9.94 -5.74 12.87
C SER A 263 -10.07 -6.21 14.31
N ILE A 264 -9.01 -6.00 15.09
CA ILE A 264 -8.99 -6.37 16.49
C ILE A 264 -8.45 -5.14 17.21
N ASN A 265 -9.34 -4.26 17.66
CA ASN A 265 -8.88 -3.04 18.31
C ASN A 265 -9.65 -2.64 19.54
N ALA A 266 -10.34 -3.59 20.15
CA ALA A 266 -11.10 -3.32 21.36
C ALA A 266 -12.07 -2.14 21.20
N GLY A 267 -12.49 -1.89 19.98
CA GLY A 267 -13.44 -0.82 19.72
C GLY A 267 -12.88 0.56 19.44
N ARG A 268 -11.56 0.68 19.34
CA ARG A 268 -10.96 1.99 19.08
C ARG A 268 -11.42 2.51 17.74
N ARG A 269 -11.61 1.60 16.81
CA ARG A 269 -12.07 1.97 15.50
C ARG A 269 -13.15 1.06 15.00
N THR A 270 -14.30 1.64 14.80
CA THR A 270 -15.39 0.94 14.18
C THR A 270 -15.71 1.70 12.90
N MET B 21 -4.66 37.31 -1.89
CA MET B 21 -3.58 38.33 -1.97
C MET B 21 -2.35 37.73 -2.65
N GLU B 22 -2.14 36.43 -2.48
CA GLU B 22 -0.99 35.76 -3.08
C GLU B 22 -1.43 34.87 -4.25
N THR B 23 -0.60 34.84 -5.30
CA THR B 23 -0.89 34.04 -6.48
C THR B 23 -0.94 32.54 -6.11
N THR B 24 -1.79 31.79 -6.80
CA THR B 24 -1.91 30.36 -6.54
C THR B 24 -0.98 29.57 -7.44
N TYR B 25 -0.12 28.76 -6.83
CA TYR B 25 0.81 27.93 -7.57
C TYR B 25 0.49 26.45 -7.34
N ALA B 26 0.41 25.70 -8.43
CA ALA B 26 0.11 24.26 -8.35
C ALA B 26 1.14 23.46 -9.14
N LEU B 27 1.60 22.38 -8.57
CA LEU B 27 2.51 21.48 -9.23
C LEU B 27 1.86 20.13 -9.46
N VAL B 28 1.98 19.62 -10.67
CA VAL B 28 1.35 18.35 -11.02
C VAL B 28 2.33 17.36 -11.67
N THR B 29 2.60 16.24 -11.01
CA THR B 29 3.50 15.24 -11.58
C THR B 29 2.67 14.44 -12.58
N GLY B 30 3.31 13.96 -13.63
CA GLY B 30 2.58 13.26 -14.67
C GLY B 30 1.74 14.29 -15.40
N GLY B 31 2.16 15.54 -15.28
CA GLY B 31 1.43 16.64 -15.89
C GLY B 31 1.38 16.77 -17.40
N SER B 32 2.12 15.95 -18.14
CA SER B 32 2.10 16.06 -19.59
C SER B 32 1.17 15.08 -20.30
N ARG B 33 0.50 14.21 -19.56
CA ARG B 33 -0.43 13.25 -20.16
C ARG B 33 -1.52 12.79 -19.19
N GLY B 34 -2.59 12.24 -19.77
CA GLY B 34 -3.71 11.72 -18.98
C GLY B 34 -4.35 12.61 -17.93
N ILE B 35 -4.53 12.05 -16.75
CA ILE B 35 -5.14 12.75 -15.62
C ILE B 35 -4.33 13.98 -15.23
N GLY B 36 -3.01 13.81 -15.12
CA GLY B 36 -2.16 14.93 -14.77
C GLY B 36 -2.36 16.11 -15.71
N ARG B 37 -2.32 15.85 -17.01
CA ARG B 37 -2.49 16.90 -18.00
C ARG B 37 -3.85 17.58 -17.90
N ALA B 38 -4.91 16.78 -17.83
CA ALA B 38 -6.27 17.31 -17.72
C ALA B 38 -6.39 18.18 -16.47
N THR B 39 -5.70 17.78 -15.41
CA THR B 39 -5.72 18.51 -14.16
C THR B 39 -5.01 19.84 -14.31
N VAL B 40 -3.82 19.82 -14.93
CA VAL B 40 -3.07 21.05 -15.15
C VAL B 40 -3.92 22.06 -15.91
N LEU B 41 -4.59 21.59 -16.96
CA LEU B 41 -5.44 22.46 -17.75
C LEU B 41 -6.64 22.95 -16.97
N ARG B 42 -7.23 22.10 -16.13
CA ARG B 42 -8.37 22.53 -15.34
C ARG B 42 -7.91 23.58 -14.34
N PHE B 43 -6.67 23.45 -13.87
CA PHE B 43 -6.13 24.41 -12.92
C PHE B 43 -5.90 25.74 -13.63
N ALA B 44 -5.49 25.69 -14.90
CA ALA B 44 -5.25 26.89 -15.67
C ALA B 44 -6.54 27.68 -15.87
N ARG B 45 -7.65 26.98 -16.06
CA ARG B 45 -8.94 27.64 -16.24
C ARG B 45 -9.34 28.39 -14.98
N GLU B 46 -8.78 27.96 -13.85
CA GLU B 46 -9.06 28.59 -12.55
C GLU B 46 -8.17 29.80 -12.34
N GLY B 47 -7.23 30.01 -13.25
CA GLY B 47 -6.34 31.14 -13.13
C GLY B 47 -5.14 30.85 -12.25
N TRP B 48 -4.88 29.57 -12.00
CA TRP B 48 -3.75 29.18 -11.18
C TRP B 48 -2.48 29.01 -12.02
N SER B 49 -1.34 29.36 -11.45
CA SER B 49 -0.07 29.19 -12.15
C SER B 49 0.28 27.73 -11.94
N VAL B 50 0.86 27.10 -12.96
CA VAL B 50 1.17 25.69 -12.88
C VAL B 50 2.60 25.26 -13.20
N VAL B 51 3.03 24.20 -12.54
CA VAL B 51 4.34 23.63 -12.80
C VAL B 51 4.05 22.22 -13.30
N ILE B 52 4.40 21.97 -14.55
CA ILE B 52 4.18 20.68 -15.18
C ILE B 52 5.40 19.80 -15.02
N ALA B 53 5.33 18.83 -14.10
CA ALA B 53 6.43 17.91 -13.86
C ALA B 53 6.23 16.69 -14.75
N TYR B 54 7.24 16.36 -15.55
CA TYR B 54 7.16 15.23 -16.47
C TYR B 54 8.42 14.38 -16.43
N LYS B 55 8.32 13.14 -16.89
CA LYS B 55 9.48 12.25 -16.89
C LYS B 55 10.37 12.33 -18.15
N SER B 56 9.80 12.20 -19.33
CA SER B 56 10.59 12.22 -20.57
C SER B 56 10.12 13.03 -21.77
N ARG B 57 8.81 13.16 -21.98
CA ARG B 57 8.33 13.91 -23.14
C ARG B 57 8.34 15.43 -22.97
N ALA B 58 9.53 16.01 -22.98
CA ALA B 58 9.69 17.46 -22.83
C ALA B 58 8.84 18.21 -23.86
N ASP B 59 8.71 17.64 -25.06
CA ASP B 59 7.94 18.28 -26.12
C ASP B 59 6.45 18.40 -25.78
N LEU B 60 5.87 17.35 -25.21
CA LEU B 60 4.46 17.39 -24.86
C LEU B 60 4.22 18.28 -23.64
N ALA B 61 5.18 18.31 -22.73
CA ALA B 61 5.05 19.13 -21.53
C ALA B 61 4.99 20.61 -21.92
N GLU B 62 5.83 21.00 -22.88
CA GLU B 62 5.84 22.39 -23.33
C GLU B 62 4.53 22.76 -24.04
N LYS B 63 3.94 21.80 -24.73
CA LYS B 63 2.66 22.03 -25.41
C LYS B 63 1.60 22.26 -24.35
N THR B 64 1.69 21.48 -23.27
CA THR B 64 0.73 21.61 -22.17
C THR B 64 0.89 22.99 -21.54
N ALA B 65 2.14 23.39 -21.32
CA ALA B 65 2.42 24.69 -20.74
C ALA B 65 1.79 25.80 -21.59
N GLU B 66 1.97 25.69 -22.90
CA GLU B 66 1.41 26.66 -23.84
C GLU B 66 -0.09 26.73 -23.71
N GLU B 67 -0.73 25.58 -23.69
CA GLU B 67 -2.19 25.52 -23.58
C GLU B 67 -2.65 26.08 -22.24
N ALA B 68 -1.88 25.85 -21.18
CA ALA B 68 -2.22 26.33 -19.86
C ALA B 68 -2.21 27.86 -19.84
N ARG B 69 -1.17 28.46 -20.42
CA ARG B 69 -1.06 29.91 -20.47
C ARG B 69 -2.24 30.48 -21.26
N ARG B 70 -2.60 29.81 -22.35
CA ARG B 70 -3.72 30.25 -23.16
C ARG B 70 -5.03 30.15 -22.39
N LEU B 71 -5.15 29.12 -21.55
CA LEU B 71 -6.37 28.91 -20.78
C LEU B 71 -6.54 29.81 -19.57
N GLY B 72 -5.45 30.38 -19.05
CA GLY B 72 -5.57 31.25 -17.91
C GLY B 72 -4.44 31.29 -16.89
N SER B 73 -3.46 30.39 -17.04
CA SER B 73 -2.35 30.37 -16.10
C SER B 73 -1.45 31.59 -16.25
N PRO B 74 -1.35 32.41 -15.19
CA PRO B 74 -0.50 33.60 -15.30
C PRO B 74 0.91 33.18 -15.68
N GLU B 75 1.34 32.05 -15.12
CA GLU B 75 2.66 31.49 -15.39
C GLU B 75 2.57 29.98 -15.51
N ALA B 76 3.37 29.40 -16.41
CA ALA B 76 3.38 27.95 -16.60
C ALA B 76 4.82 27.52 -16.83
N TYR B 77 5.27 26.59 -16.01
CA TYR B 77 6.63 26.07 -16.06
C TYR B 77 6.64 24.56 -16.29
N THR B 78 7.77 24.04 -16.77
CA THR B 78 7.93 22.60 -16.98
C THR B 78 9.18 22.17 -16.24
N VAL B 79 9.15 20.98 -15.64
CA VAL B 79 10.31 20.47 -14.94
C VAL B 79 10.36 18.96 -15.10
N ARG B 80 11.53 18.44 -15.43
CA ARG B 80 11.74 17.02 -15.60
C ARG B 80 12.00 16.33 -14.29
N VAL B 81 11.36 15.19 -14.08
CA VAL B 81 11.59 14.45 -12.86
C VAL B 81 11.14 13.00 -12.98
N ASP B 82 11.93 12.11 -12.39
CA ASP B 82 11.62 10.68 -12.33
C ASP B 82 11.28 10.52 -10.86
N VAL B 83 9.99 10.46 -10.54
CA VAL B 83 9.56 10.35 -9.15
C VAL B 83 10.09 9.12 -8.44
N GLY B 84 10.57 8.16 -9.21
CA GLY B 84 11.11 6.95 -8.62
C GLY B 84 12.56 7.10 -8.17
N ASP B 85 13.21 8.18 -8.60
CA ASP B 85 14.62 8.42 -8.26
C ASP B 85 14.85 9.61 -7.31
N PRO B 86 15.39 9.35 -6.11
CA PRO B 86 15.66 10.38 -5.11
C PRO B 86 16.43 11.60 -5.63
N ASP B 87 17.51 11.36 -6.38
CA ASP B 87 18.31 12.46 -6.92
C ASP B 87 17.48 13.32 -7.85
N SER B 88 16.71 12.69 -8.73
CA SER B 88 15.87 13.42 -9.67
C SER B 88 14.83 14.29 -8.95
N VAL B 89 14.19 13.74 -7.93
CA VAL B 89 13.18 14.48 -7.17
C VAL B 89 13.82 15.65 -6.41
N THR B 90 14.98 15.40 -5.82
CA THR B 90 15.70 16.43 -5.08
C THR B 90 16.06 17.58 -6.03
N GLU B 91 16.55 17.22 -7.22
CA GLU B 91 16.92 18.22 -8.21
C GLU B 91 15.67 18.97 -8.67
N MET B 92 14.56 18.25 -8.79
CA MET B 92 13.32 18.86 -9.23
C MET B 92 12.83 19.90 -8.21
N SER B 93 12.92 19.58 -6.93
CA SER B 93 12.47 20.50 -5.90
C SER B 93 13.33 21.77 -5.90
N SER B 94 14.64 21.61 -6.12
CA SER B 94 15.54 22.76 -6.16
C SER B 94 15.16 23.67 -7.33
N ARG B 95 14.97 23.09 -8.51
CA ARG B 95 14.59 23.88 -9.68
C ARG B 95 13.27 24.59 -9.41
N VAL B 96 12.28 23.87 -8.89
CA VAL B 96 10.97 24.47 -8.61
C VAL B 96 11.10 25.63 -7.63
N GLY B 97 11.97 25.48 -6.63
CA GLY B 97 12.16 26.53 -5.65
C GLY B 97 12.76 27.81 -6.22
N GLU B 98 13.31 27.72 -7.42
CA GLU B 98 13.91 28.87 -8.08
C GLU B 98 12.91 29.53 -9.01
N LEU B 99 11.84 28.81 -9.32
CA LEU B 99 10.82 29.32 -10.23
C LEU B 99 9.59 29.92 -9.53
N ILE B 100 9.28 29.43 -8.35
CA ILE B 100 8.09 29.91 -7.63
C ILE B 100 8.40 30.21 -6.16
N PRO B 101 7.71 31.20 -5.58
CA PRO B 101 7.89 31.60 -4.18
C PRO B 101 7.30 30.60 -3.16
N HIS B 102 6.21 29.94 -3.54
CA HIS B 102 5.58 28.97 -2.66
C HIS B 102 4.74 28.00 -3.49
N LEU B 103 4.16 27.00 -2.83
CA LEU B 103 3.34 26.03 -3.53
C LEU B 103 2.05 25.79 -2.74
N ASN B 104 0.93 26.06 -3.37
CA ASN B 104 -0.38 25.89 -2.74
C ASN B 104 -0.93 24.50 -2.96
N VAL B 105 -0.72 23.97 -4.16
CA VAL B 105 -1.26 22.66 -4.49
C VAL B 105 -0.26 21.69 -5.09
N LEU B 106 -0.24 20.47 -4.59
CA LEU B 106 0.55 19.39 -5.15
C LEU B 106 -0.34 18.23 -5.53
N VAL B 107 -0.26 17.79 -6.77
CA VAL B 107 -0.98 16.62 -7.22
C VAL B 107 0.01 15.55 -7.65
N ASN B 108 -0.03 14.39 -7.03
CA ASN B 108 0.82 13.30 -7.48
C ASN B 108 0.01 12.41 -8.40
N ALA B 109 0.30 12.52 -9.70
CA ALA B 109 -0.38 11.74 -10.73
C ALA B 109 0.61 11.10 -11.68
N ALA B 110 1.77 10.70 -11.16
CA ALA B 110 2.80 10.07 -11.97
C ALA B 110 2.85 8.54 -11.87
N GLY B 111 1.72 7.90 -11.58
CA GLY B 111 1.71 6.44 -11.46
C GLY B 111 1.77 5.66 -12.76
N VAL B 112 2.22 4.40 -12.68
CA VAL B 112 2.31 3.53 -13.84
C VAL B 112 1.55 2.23 -13.60
N LEU B 113 0.99 1.70 -14.66
CA LEU B 113 0.24 0.47 -14.62
C LEU B 113 1.10 -0.79 -14.45
N GLN B 114 0.56 -1.79 -13.81
CA GLN B 114 1.27 -3.07 -13.65
C GLN B 114 0.17 -4.14 -13.67
N LEU B 115 0.38 -5.18 -14.49
CA LEU B 115 -0.57 -6.26 -14.63
C LEU B 115 0.06 -7.60 -14.33
N GLY B 116 -0.75 -8.52 -13.79
CA GLY B 116 -0.28 -9.85 -13.47
C GLY B 116 -0.44 -10.31 -12.03
N GLY B 117 -0.65 -11.63 -11.89
CA GLY B 117 -0.78 -12.23 -10.59
C GLY B 117 0.60 -12.34 -9.95
N ILE B 118 0.65 -12.85 -8.72
CA ILE B 118 1.92 -12.95 -8.02
C ILE B 118 2.95 -13.84 -8.72
N GLU B 119 2.50 -14.95 -9.31
CA GLU B 119 3.41 -15.86 -10.00
C GLU B 119 4.00 -15.18 -11.25
N GLU B 120 3.19 -14.39 -11.92
CA GLU B 120 3.61 -13.70 -13.12
C GLU B 120 4.37 -12.41 -12.87
N THR B 121 4.32 -11.90 -11.64
CA THR B 121 4.99 -10.65 -11.30
C THR B 121 6.40 -10.89 -10.76
N SER B 122 7.40 -10.51 -11.54
CA SER B 122 8.79 -10.70 -11.14
C SER B 122 9.14 -9.77 -9.99
N ILE B 123 10.13 -10.17 -9.21
CA ILE B 123 10.56 -9.38 -8.07
C ILE B 123 10.94 -7.97 -8.51
N SER B 124 11.66 -7.84 -9.63
CA SER B 124 12.05 -6.52 -10.11
C SER B 124 10.83 -5.70 -10.56
N GLU B 125 9.85 -6.37 -11.15
CA GLU B 125 8.63 -5.71 -11.61
C GLU B 125 7.89 -5.16 -10.38
N TRP B 126 7.83 -5.98 -9.33
CA TRP B 126 7.18 -5.57 -8.09
C TRP B 126 7.88 -4.36 -7.49
N GLU B 127 9.20 -4.45 -7.35
CA GLU B 127 9.98 -3.36 -6.76
C GLU B 127 9.88 -2.05 -7.52
N GLU B 128 9.93 -2.13 -8.84
CA GLU B 128 9.86 -0.93 -9.66
C GLU B 128 8.47 -0.30 -9.56
N THR B 129 7.43 -1.13 -9.47
CA THR B 129 6.07 -0.63 -9.36
C THR B 129 5.89 0.12 -8.03
N LEU B 130 6.34 -0.50 -6.93
CA LEU B 130 6.26 0.14 -5.62
C LEU B 130 7.11 1.43 -5.61
N ARG B 131 8.30 1.34 -6.19
CA ARG B 131 9.21 2.47 -6.24
C ARG B 131 8.59 3.69 -6.90
N VAL B 132 7.93 3.48 -8.04
CA VAL B 132 7.32 4.60 -8.75
C VAL B 132 5.98 5.07 -8.17
N ASN B 133 5.05 4.14 -7.98
CA ASN B 133 3.70 4.45 -7.49
C ASN B 133 3.54 4.83 -6.03
N LEU B 134 4.35 4.25 -5.16
CA LEU B 134 4.24 4.52 -3.73
C LEU B 134 5.39 5.38 -3.19
N THR B 135 6.62 4.90 -3.36
CA THR B 135 7.77 5.65 -2.88
C THR B 135 7.87 7.01 -3.59
N GLY B 136 7.43 7.05 -4.84
CA GLY B 136 7.46 8.30 -5.59
C GLY B 136 6.57 9.37 -5.00
N VAL B 137 5.41 8.98 -4.48
CA VAL B 137 4.49 9.93 -3.87
C VAL B 137 5.14 10.47 -2.61
N TYR B 138 5.78 9.59 -1.85
CA TYR B 138 6.47 9.96 -0.62
C TYR B 138 7.62 10.93 -0.89
N LEU B 139 8.40 10.63 -1.90
CA LEU B 139 9.56 11.42 -2.29
C LEU B 139 9.19 12.82 -2.68
N VAL B 140 8.29 12.94 -3.63
CA VAL B 140 7.82 14.22 -4.13
C VAL B 140 7.23 15.08 -3.03
N THR B 141 6.36 14.49 -2.21
CA THR B 141 5.73 15.20 -1.11
C THR B 141 6.76 15.69 -0.10
N LYS B 142 7.70 14.81 0.24
CA LYS B 142 8.75 15.12 1.21
C LYS B 142 9.65 16.25 0.77
N LEU B 143 10.07 16.24 -0.49
CA LEU B 143 10.96 17.28 -1.01
C LEU B 143 10.28 18.60 -1.28
N LEU B 144 8.96 18.59 -1.48
CA LEU B 144 8.23 19.81 -1.74
C LEU B 144 7.48 20.35 -0.52
N LEU B 145 7.56 19.66 0.61
CA LEU B 145 6.86 20.10 1.80
C LEU B 145 7.29 21.52 2.21
N PRO B 146 8.59 21.83 2.11
CA PRO B 146 9.02 23.19 2.50
C PRO B 146 8.25 24.26 1.72
N LEU B 147 8.12 24.06 0.42
CA LEU B 147 7.40 25.03 -0.41
C LEU B 147 5.91 25.06 -0.07
N LEU B 148 5.34 23.92 0.31
CA LEU B 148 3.93 23.87 0.67
C LEU B 148 3.69 24.60 1.98
N ARG B 149 4.63 24.46 2.91
CA ARG B 149 4.50 25.10 4.21
C ARG B 149 4.69 26.61 4.11
N LYS B 150 5.34 27.05 3.03
CA LYS B 150 5.58 28.47 2.80
C LYS B 150 4.31 29.20 2.38
N ALA B 151 3.38 28.46 1.77
CA ALA B 151 2.13 29.05 1.30
C ALA B 151 1.20 29.41 2.46
N LYS B 152 0.20 30.26 2.18
CA LYS B 152 -0.77 30.67 3.19
C LYS B 152 -1.83 29.58 3.37
N TRP B 153 -2.00 28.77 2.32
CA TRP B 153 -2.93 27.65 2.34
C TRP B 153 -2.34 26.62 1.39
N ALA B 154 -2.49 25.35 1.71
CA ALA B 154 -1.95 24.30 0.86
C ALA B 154 -2.75 23.01 0.93
N SER B 155 -2.72 22.25 -0.15
CA SER B 155 -3.42 20.98 -0.18
C SER B 155 -2.71 20.01 -1.11
N ILE B 156 -2.78 18.73 -0.75
CA ILE B 156 -2.16 17.69 -1.55
C ILE B 156 -3.26 16.72 -1.97
N VAL B 157 -3.25 16.36 -3.24
CA VAL B 157 -4.16 15.36 -3.79
C VAL B 157 -3.39 14.24 -4.46
N ASN B 158 -3.52 13.05 -3.95
CA ASN B 158 -2.83 11.93 -4.55
C ASN B 158 -3.79 11.12 -5.41
N VAL B 159 -3.32 10.66 -6.56
CA VAL B 159 -4.16 9.86 -7.43
C VAL B 159 -3.92 8.39 -7.11
N ALA B 160 -4.94 7.75 -6.55
CA ALA B 160 -4.85 6.34 -6.20
C ALA B 160 -5.55 5.55 -7.29
N SER B 161 -6.42 4.62 -6.90
CA SER B 161 -7.13 3.80 -7.85
C SER B 161 -8.12 2.94 -7.13
N ILE B 162 -9.15 2.50 -7.84
CA ILE B 162 -10.13 1.61 -7.25
C ILE B 162 -9.36 0.35 -6.84
N ALA B 163 -8.27 0.07 -7.55
CA ALA B 163 -7.43 -1.10 -7.28
C ALA B 163 -6.84 -1.06 -5.87
N GLY B 164 -6.74 0.13 -5.30
CA GLY B 164 -6.20 0.25 -3.96
C GLY B 164 -7.28 0.07 -2.91
N GLU B 165 -8.54 0.05 -3.35
CA GLU B 165 -9.68 -0.10 -2.44
C GLU B 165 -10.28 -1.51 -2.46
N THR B 166 -10.07 -2.25 -3.54
CA THR B 166 -10.66 -3.58 -3.63
C THR B 166 -9.85 -4.50 -4.54
N GLY B 167 -9.94 -5.79 -4.27
CA GLY B 167 -9.23 -6.76 -5.08
C GLY B 167 -10.04 -7.16 -6.30
N ASN B 168 -11.32 -6.80 -6.31
CA ASN B 168 -12.20 -7.14 -7.43
C ASN B 168 -12.04 -6.24 -8.65
N VAL B 169 -10.83 -6.17 -9.18
CA VAL B 169 -10.54 -5.37 -10.36
C VAL B 169 -9.38 -6.04 -11.08
N VAL B 170 -9.22 -5.75 -12.37
CA VAL B 170 -8.13 -6.30 -13.13
C VAL B 170 -6.97 -5.34 -13.04
N ALA B 171 -6.00 -5.68 -12.22
CA ALA B 171 -4.82 -4.88 -12.03
C ALA B 171 -3.84 -5.85 -11.40
N GLY B 172 -2.55 -5.61 -11.61
CA GLY B 172 -1.57 -6.51 -11.07
C GLY B 172 -1.46 -6.41 -9.56
N VAL B 173 -0.91 -7.43 -8.98
CA VAL B 173 -0.70 -7.50 -7.57
C VAL B 173 0.14 -6.34 -7.02
N ALA B 174 1.17 -5.97 -7.75
CA ALA B 174 2.03 -4.87 -7.33
C ALA B 174 1.30 -3.55 -7.44
N TYR B 175 0.49 -3.42 -8.48
CA TYR B 175 -0.26 -2.20 -8.70
C TYR B 175 -1.27 -1.99 -7.56
N SER B 176 -1.99 -3.04 -7.21
CA SER B 176 -2.97 -2.96 -6.14
C SER B 176 -2.31 -2.62 -4.81
N ALA B 177 -1.19 -3.28 -4.53
CA ALA B 177 -0.47 -3.03 -3.28
C ALA B 177 0.04 -1.59 -3.20
N SER B 178 0.62 -1.10 -4.30
CA SER B 178 1.16 0.25 -4.32
C SER B 178 0.07 1.32 -4.16
N LYS B 179 -1.08 1.09 -4.79
CA LYS B 179 -2.19 2.05 -4.70
C LYS B 179 -2.85 2.03 -3.32
N ALA B 180 -2.92 0.87 -2.69
CA ALA B 180 -3.49 0.78 -1.35
C ALA B 180 -2.50 1.52 -0.44
N GLY B 181 -1.21 1.38 -0.72
CA GLY B 181 -0.19 2.06 0.05
C GLY B 181 -0.34 3.57 -0.07
N VAL B 182 -0.67 4.03 -1.26
CA VAL B 182 -0.86 5.46 -1.52
C VAL B 182 -2.03 5.98 -0.66
N ILE B 183 -3.07 5.16 -0.54
CA ILE B 183 -4.23 5.54 0.27
C ILE B 183 -3.83 5.60 1.75
N GLY B 184 -3.07 4.62 2.21
CA GLY B 184 -2.64 4.61 3.60
C GLY B 184 -1.76 5.81 3.90
N LEU B 185 -0.87 6.12 2.96
CA LEU B 185 0.03 7.25 3.09
C LEU B 185 -0.78 8.55 3.16
N THR B 186 -1.80 8.64 2.29
CA THR B 186 -2.65 9.81 2.21
C THR B 186 -3.33 10.09 3.55
N LYS B 187 -3.92 9.05 4.12
CA LYS B 187 -4.62 9.17 5.41
C LYS B 187 -3.70 9.60 6.54
N ARG B 188 -2.54 8.96 6.64
CA ARG B 188 -1.62 9.30 7.72
C ARG B 188 -1.05 10.71 7.58
N LEU B 189 -0.74 11.12 6.35
CA LEU B 189 -0.22 12.47 6.11
C LEU B 189 -1.30 13.49 6.43
N ALA B 190 -2.55 13.14 6.15
CA ALA B 190 -3.66 14.06 6.42
C ALA B 190 -3.67 14.40 7.91
N VAL B 191 -3.54 13.38 8.75
CA VAL B 191 -3.55 13.55 10.19
C VAL B 191 -2.27 14.25 10.66
N GLN B 192 -1.13 13.81 10.16
CA GLN B 192 0.15 14.39 10.57
C GLN B 192 0.36 15.83 10.11
N LEU B 193 -0.04 16.16 8.90
CA LEU B 193 0.21 17.48 8.35
C LEU B 193 -0.90 18.47 8.64
N ALA B 194 -1.98 18.00 9.24
CA ALA B 194 -3.08 18.88 9.61
C ALA B 194 -2.56 19.98 10.53
N GLY B 195 -1.49 19.67 11.26
CA GLY B 195 -0.89 20.65 12.15
C GLY B 195 -0.39 21.88 11.41
N TYR B 196 0.04 21.71 10.17
CA TYR B 196 0.53 22.82 9.37
C TYR B 196 -0.62 23.42 8.55
N GLY B 197 -1.83 22.90 8.76
CA GLY B 197 -2.97 23.41 8.02
C GLY B 197 -3.00 22.88 6.60
N ILE B 198 -2.17 21.89 6.30
CA ILE B 198 -2.12 21.28 4.97
C ILE B 198 -3.09 20.11 4.87
N ARG B 199 -3.99 20.16 3.88
CA ARG B 199 -4.95 19.08 3.71
C ARG B 199 -4.39 18.05 2.72
N VAL B 200 -4.70 16.78 2.94
CA VAL B 200 -4.23 15.71 2.07
C VAL B 200 -5.36 14.75 1.78
N ASN B 201 -5.72 14.62 0.51
CA ASN B 201 -6.80 13.72 0.08
C ASN B 201 -6.36 12.91 -1.13
N ALA B 202 -7.20 11.97 -1.54
CA ALA B 202 -6.91 11.16 -2.70
C ALA B 202 -8.15 10.93 -3.52
N VAL B 203 -7.94 10.68 -4.81
CA VAL B 203 -9.04 10.36 -5.70
C VAL B 203 -8.73 8.91 -6.10
N ALA B 204 -9.76 8.08 -6.24
CA ALA B 204 -9.58 6.69 -6.60
C ALA B 204 -10.48 6.34 -7.78
N PRO B 205 -10.01 6.65 -8.97
CA PRO B 205 -10.76 6.34 -10.18
C PRO B 205 -10.71 4.89 -10.59
N SER B 206 -11.67 4.44 -11.36
CA SER B 206 -11.56 3.11 -11.91
C SER B 206 -11.04 3.40 -13.32
N PHE B 207 -11.20 2.47 -14.22
CA PHE B 207 -10.82 2.60 -15.60
C PHE B 207 -10.98 4.00 -16.18
N VAL B 208 -9.93 4.55 -16.74
CA VAL B 208 -9.96 5.88 -17.35
C VAL B 208 -9.31 5.84 -18.74
N GLU B 209 -9.98 6.41 -19.73
CA GLU B 209 -9.45 6.45 -21.10
C GLU B 209 -8.15 7.24 -21.11
N THR B 210 -7.05 6.53 -21.28
CA THR B 210 -5.73 7.11 -21.27
C THR B 210 -4.82 6.23 -22.12
N ASP B 211 -3.51 6.45 -22.06
CA ASP B 211 -2.60 5.60 -22.81
C ASP B 211 -2.52 4.18 -22.24
N MET B 212 -3.70 3.59 -22.05
CA MET B 212 -3.85 2.21 -21.60
C MET B 212 -4.86 1.73 -22.63
N THR B 213 -4.49 1.93 -23.90
CA THR B 213 -5.31 1.57 -25.04
C THR B 213 -5.42 0.05 -25.18
N ARG B 214 -4.51 -0.66 -24.51
CA ARG B 214 -4.50 -2.11 -24.54
C ARG B 214 -5.91 -2.66 -24.43
N SER B 215 -6.77 -1.95 -23.69
CA SER B 215 -8.15 -2.42 -23.52
C SER B 215 -9.13 -1.82 -24.54
N PHE B 216 -8.86 -1.97 -25.84
CA PHE B 216 -9.75 -1.40 -26.85
C PHE B 216 -9.78 -2.07 -28.20
N LEU B 217 -10.86 -2.82 -28.43
CA LEU B 217 -11.10 -3.57 -29.67
C LEU B 217 -9.78 -3.89 -30.36
N ARG B 225 -17.92 -2.96 -23.25
CA ARG B 225 -17.53 -3.98 -22.30
C ARG B 225 -17.02 -3.37 -20.99
N ILE B 226 -16.10 -2.42 -21.10
CA ILE B 226 -15.58 -1.77 -19.90
C ILE B 226 -16.61 -0.76 -19.43
N ALA B 227 -17.43 -0.28 -20.36
CA ALA B 227 -18.47 0.69 -20.04
C ALA B 227 -19.64 -0.01 -19.35
N SER B 228 -19.65 -1.34 -19.43
CA SER B 228 -20.72 -2.15 -18.83
C SER B 228 -20.29 -2.63 -17.44
N LEU B 229 -19.11 -2.23 -17.01
CA LEU B 229 -18.59 -2.62 -15.70
C LEU B 229 -19.25 -1.85 -14.58
N HIS B 230 -20.02 -0.83 -14.93
CA HIS B 230 -20.66 0.00 -13.92
C HIS B 230 -22.11 0.36 -14.22
N PRO B 231 -22.87 0.66 -13.16
CA PRO B 231 -24.29 1.04 -13.23
C PRO B 231 -24.52 2.22 -14.17
N LEU B 232 -23.71 3.26 -14.00
CA LEU B 232 -23.80 4.45 -14.84
C LEU B 232 -23.15 4.12 -16.17
N LYS B 233 -23.92 4.15 -17.24
CA LYS B 233 -23.35 3.83 -18.54
C LYS B 233 -22.64 5.04 -19.15
N ILE B 234 -21.46 5.32 -18.61
CA ILE B 234 -20.64 6.42 -19.09
C ILE B 234 -19.23 5.95 -19.33
N ILE B 235 -18.40 6.88 -19.79
CA ILE B 235 -17.00 6.64 -20.12
C ILE B 235 -16.16 7.64 -19.33
N LEU B 236 -15.42 7.14 -18.34
CA LEU B 236 -14.61 8.02 -17.51
C LEU B 236 -13.44 8.66 -18.27
N LYS B 237 -13.37 9.97 -18.23
CA LYS B 237 -12.33 10.72 -18.90
C LYS B 237 -11.38 11.38 -17.93
N PRO B 238 -10.20 11.73 -18.39
CA PRO B 238 -9.21 12.38 -17.53
C PRO B 238 -9.80 13.66 -16.91
N GLU B 239 -10.62 14.37 -17.69
CA GLU B 239 -11.22 15.61 -17.20
C GLU B 239 -12.25 15.40 -16.10
N ASP B 240 -12.82 14.20 -16.02
CA ASP B 240 -13.79 13.90 -14.98
C ASP B 240 -13.00 13.80 -13.69
N VAL B 241 -11.81 13.21 -13.76
CA VAL B 241 -10.97 13.05 -12.60
C VAL B 241 -10.40 14.42 -12.21
N ALA B 242 -10.05 15.22 -13.21
CA ALA B 242 -9.51 16.55 -12.96
C ALA B 242 -10.51 17.38 -12.14
N GLU B 243 -11.80 17.23 -12.38
CA GLU B 243 -12.80 17.95 -11.62
C GLU B 243 -12.83 17.55 -10.16
N ALA B 244 -12.64 16.28 -9.91
CA ALA B 244 -12.63 15.81 -8.53
C ALA B 244 -11.37 16.32 -7.82
N ILE B 245 -10.26 16.32 -8.55
CA ILE B 245 -9.01 16.79 -7.98
C ILE B 245 -9.08 18.28 -7.64
N LEU B 246 -9.74 19.05 -8.51
CA LEU B 246 -9.89 20.48 -8.28
C LEU B 246 -10.69 20.72 -7.00
N PHE B 247 -11.79 20.00 -6.87
CA PHE B 247 -12.64 20.11 -5.70
C PHE B 247 -11.84 19.91 -4.42
N LEU B 248 -11.02 18.87 -4.40
CA LEU B 248 -10.21 18.53 -3.24
C LEU B 248 -9.03 19.47 -3.04
N ALA B 249 -8.56 20.05 -4.13
CA ALA B 249 -7.43 20.97 -4.05
C ALA B 249 -7.87 22.35 -3.56
N ASP B 250 -9.04 22.79 -3.99
CA ASP B 250 -9.56 24.12 -3.64
C ASP B 250 -10.22 24.25 -2.26
N PRO B 251 -9.57 24.96 -1.33
CA PRO B 251 -10.11 25.14 0.02
C PRO B 251 -11.46 25.87 0.07
N ARG B 252 -11.77 26.61 -0.98
CA ARG B 252 -13.03 27.34 -1.06
C ARG B 252 -14.15 26.30 -1.20
N ARG B 253 -13.78 25.10 -1.55
CA ARG B 253 -14.70 24.05 -1.86
C ARG B 253 -14.66 22.95 -0.82
N SER B 254 -13.48 22.66 -0.32
CA SER B 254 -13.30 21.55 0.59
C SER B 254 -12.43 21.80 1.82
N ARG B 255 -12.48 23.00 2.39
CA ARG B 255 -11.65 23.31 3.53
C ARG B 255 -11.79 22.36 4.72
N GLY B 256 -12.95 21.71 4.85
CA GLY B 256 -13.17 20.79 5.96
C GLY B 256 -12.96 19.32 5.62
N ILE B 257 -12.41 19.05 4.44
CA ILE B 257 -12.18 17.68 4.01
C ILE B 257 -10.68 17.34 3.93
N THR B 258 -10.27 16.34 4.70
CA THR B 258 -8.87 15.90 4.68
C THR B 258 -8.81 14.42 5.04
N GLY B 259 -7.90 13.71 4.40
CA GLY B 259 -7.74 12.28 4.66
C GLY B 259 -8.82 11.44 4.01
N HIS B 260 -9.53 12.04 3.06
CA HIS B 260 -10.61 11.35 2.37
C HIS B 260 -10.21 10.77 1.02
N VAL B 261 -10.83 9.66 0.65
CA VAL B 261 -10.59 9.04 -0.64
C VAL B 261 -11.86 9.21 -1.46
N LEU B 262 -11.81 10.09 -2.45
CA LEU B 262 -12.97 10.34 -3.30
C LEU B 262 -12.97 9.35 -4.47
N SER B 263 -13.87 8.37 -4.38
CA SER B 263 -14.00 7.33 -5.38
C SER B 263 -14.77 7.79 -6.62
N ILE B 264 -14.19 7.57 -7.79
CA ILE B 264 -14.82 7.95 -9.05
C ILE B 264 -14.85 6.68 -9.89
N ASN B 265 -15.96 5.96 -9.85
CA ASN B 265 -16.07 4.71 -10.59
C ASN B 265 -17.43 4.48 -11.22
N ALA B 266 -18.22 5.53 -11.34
CA ALA B 266 -19.55 5.44 -11.93
C ALA B 266 -20.42 4.36 -11.30
N GLY B 267 -20.24 4.13 -9.99
CA GLY B 267 -21.06 3.14 -9.30
C GLY B 267 -20.59 1.70 -9.38
N ARG B 268 -19.42 1.45 -9.96
CA ARG B 268 -18.91 0.10 -10.07
C ARG B 268 -18.74 -0.47 -8.67
N ARG B 269 -18.35 0.38 -7.75
CA ARG B 269 -18.18 0.00 -6.38
C ARG B 269 -18.78 1.03 -5.43
N THR B 270 -19.75 0.61 -4.67
CA THR B 270 -20.28 1.43 -3.61
C THR B 270 -19.97 0.78 -2.27
#